data_6V9S
#
_entry.id   6V9S
#
_cell.length_a   64.661
_cell.length_b   66.341
_cell.length_c   182.461
_cell.angle_alpha   90.000
_cell.angle_beta   90.000
_cell.angle_gamma   90.000
#
_symmetry.space_group_name_H-M   'P 21 21 21'
#
loop_
_entity.id
_entity.type
_entity.pdbx_description
1 polymer 'Orexin receptor type 1,GlgA glycogen synthase chimera'
2 non-polymer [(2S)-2-[(2S)-butan-2-yl]-4-(5-chloro-1,3-benzoxazol-2-yl)-1,4-diazepan-1-yl][5-methyl-2-(2H-1,2,3-triazol-2-yl)phenyl]methanone
3 non-polymer CHOLESTEROL
4 non-polymer 'OLEIC ACID'
#
_entity_poly.entity_id   1
_entity_poly.type   'polypeptide(L)'
_entity_poly.pdbx_seq_one_letter_code
;DYKDDDDAMEPSATPGAQMGVPPGSREPSPVPPDYEDEFLRYLWRDYLYPKQYEWVLIAAYVAVFVVALVGNTLVCLAVW
RNHHMRTVTNYFIVNLSLADVLVTAICLPASLLVDITESWLFGHALCKVIPYLQAVSVSVKVLTLSFIALDRWYAICHPL
LFKSTARRARGSILGIWAVSLAIMVPQAAVMECSSVLPELANRTRLFSVCDERWADDLYPKIYHSCFFIVTYLAPLGLMA
MAYFQIFRKLWGRQGIDCSFWNESYLTGSRDERKKSLLSKFGMDEGVTFMFIGRFDRGQKGVDVLLKAIEILSSKKEFQE
MRFIIIGKGDPELEGWARSLEEKHGNVKVITEMLSREFVRELYGSVDFVIIPSYFEPFGLVALEAMCLGAIPIASAVGGL
RDIITNETGILVKAGDPGELANAILKALELSRSDLSKFRENCKKRAMSFSKQMRARRKTAKMLMVVLLVFALCYLPISVL
NILKRVFGMFRQASDREAVYACFTFSHWLVYANSAANPIIYNFLSGKFREQFKAAFSCCLPGLHHHHHHHHHH
;
_entity_poly.pdbx_strand_id   A
#
loop_
_chem_comp.id
_chem_comp.type
_chem_comp.name
_chem_comp.formula
CLR non-polymer CHOLESTEROL 'C27 H46 O'
JHC non-polymer [(2S)-2-[(2S)-butan-2-yl]-4-(5-chloro-1,3-benzoxazol-2-yl)-1,4-diazepan-1-yl][5-methyl-2-(2H-1,2,3-triazol-2-yl)phenyl]methanone 'C26 H29 Cl N6 O2'
OLA non-polymer 'OLEIC ACID' 'C18 H34 O2'
#
# COMPACT_ATOMS: atom_id res chain seq x y z
N ASP A 34 -3.25 19.69 -59.88
CA ASP A 34 -2.74 19.87 -58.53
C ASP A 34 -3.74 19.45 -57.45
N TYR A 35 -5.02 19.73 -57.67
CA TYR A 35 -5.99 19.75 -56.57
C TYR A 35 -6.64 18.37 -56.42
N GLU A 36 -5.91 17.47 -55.77
CA GLU A 36 -6.42 16.14 -55.48
C GLU A 36 -7.32 16.14 -54.25
N ASP A 37 -6.82 16.66 -53.12
CA ASP A 37 -7.63 16.71 -51.91
C ASP A 37 -8.93 17.47 -52.14
N GLU A 38 -8.83 18.66 -52.75
CA GLU A 38 -10.01 19.48 -53.02
C GLU A 38 -11.10 18.68 -53.72
N PHE A 39 -10.76 18.09 -54.87
CA PHE A 39 -11.78 17.46 -55.70
C PHE A 39 -12.27 16.15 -55.10
N LEU A 40 -11.37 15.35 -54.52
CA LEU A 40 -11.81 14.09 -53.94
C LEU A 40 -12.66 14.30 -52.70
N ARG A 41 -12.40 15.36 -51.93
CA ARG A 41 -13.33 15.71 -50.86
C ARG A 41 -14.66 16.17 -51.43
N TYR A 42 -14.62 16.96 -52.51
CA TYR A 42 -15.87 17.38 -53.14
C TYR A 42 -16.70 16.17 -53.54
N LEU A 43 -16.06 15.09 -53.99
CA LEU A 43 -16.79 13.91 -54.43
C LEU A 43 -17.27 13.07 -53.25
N TRP A 44 -16.39 12.81 -52.28
CA TRP A 44 -16.61 11.78 -51.27
C TRP A 44 -17.14 12.30 -49.95
N ARG A 45 -17.50 13.59 -49.87
CA ARG A 45 -17.86 14.16 -48.57
C ARG A 45 -19.17 13.63 -48.03
N ASP A 46 -20.13 13.32 -48.90
CA ASP A 46 -21.39 12.75 -48.45
C ASP A 46 -21.31 11.24 -48.23
N TYR A 47 -20.13 10.65 -48.38
CA TYR A 47 -19.97 9.20 -48.24
C TYR A 47 -19.94 8.85 -46.76
N LEU A 48 -21.12 8.83 -46.16
CA LEU A 48 -21.27 8.40 -44.78
C LEU A 48 -21.20 6.88 -44.71
N TYR A 49 -20.33 6.37 -43.85
CA TYR A 49 -20.18 4.92 -43.67
C TYR A 49 -20.53 4.54 -42.24
N PRO A 50 -21.72 4.00 -41.99
CA PRO A 50 -22.07 3.61 -40.62
C PRO A 50 -21.25 2.41 -40.16
N LYS A 51 -20.95 2.40 -38.86
CA LYS A 51 -20.17 1.34 -38.26
C LYS A 51 -21.09 0.25 -37.74
N GLN A 52 -20.62 -1.00 -37.81
CA GLN A 52 -21.49 -2.13 -37.51
C GLN A 52 -21.91 -2.15 -36.05
N TYR A 53 -21.01 -1.81 -35.13
CA TYR A 53 -21.32 -1.94 -33.71
C TYR A 53 -21.38 -0.59 -33.01
N GLU A 54 -22.24 0.29 -33.52
CA GLU A 54 -22.53 1.55 -32.83
C GLU A 54 -23.15 1.30 -31.46
N TRP A 55 -24.15 0.43 -31.41
CA TRP A 55 -24.85 0.18 -30.15
C TRP A 55 -23.92 -0.40 -29.09
N VAL A 56 -22.89 -1.14 -29.50
CA VAL A 56 -21.94 -1.66 -28.53
C VAL A 56 -21.16 -0.53 -27.88
N LEU A 57 -20.62 0.38 -28.69
CA LEU A 57 -19.89 1.53 -28.15
C LEU A 57 -20.80 2.36 -27.25
N ILE A 58 -22.05 2.57 -27.66
CA ILE A 58 -22.97 3.33 -26.83
C ILE A 58 -23.19 2.64 -25.50
N ALA A 59 -23.51 1.35 -25.53
CA ALA A 59 -23.72 0.61 -24.28
C ALA A 59 -22.51 0.72 -23.38
N ALA A 60 -21.32 0.59 -23.96
CA ALA A 60 -20.09 0.71 -23.16
C ALA A 60 -20.03 2.06 -22.47
N TYR A 61 -20.11 3.14 -23.24
CA TYR A 61 -19.97 4.45 -22.60
C TYR A 61 -21.08 4.70 -21.58
N VAL A 62 -22.28 4.18 -21.83
CA VAL A 62 -23.38 4.46 -20.89
C VAL A 62 -23.16 3.69 -19.59
N ALA A 63 -22.76 2.43 -19.69
CA ALA A 63 -22.39 1.68 -18.49
C ALA A 63 -21.34 2.46 -17.71
N VAL A 64 -20.31 2.94 -18.39
CA VAL A 64 -19.26 3.69 -17.71
C VAL A 64 -19.84 4.94 -17.05
N PHE A 65 -20.57 5.74 -17.82
CA PHE A 65 -21.22 6.93 -17.29
C PHE A 65 -21.89 6.64 -15.96
N VAL A 66 -22.84 5.71 -15.98
CA VAL A 66 -23.63 5.41 -14.78
C VAL A 66 -22.72 4.94 -13.65
N VAL A 67 -21.91 3.92 -13.91
CA VAL A 67 -21.16 3.28 -12.84
C VAL A 67 -20.18 4.27 -12.22
N ALA A 68 -19.39 4.95 -13.05
CA ALA A 68 -18.42 5.92 -12.54
C ALA A 68 -19.10 7.01 -11.74
N LEU A 69 -20.17 7.59 -12.29
CA LEU A 69 -20.85 8.69 -11.61
C LEU A 69 -21.37 8.25 -10.25
N VAL A 70 -22.15 7.16 -10.22
CA VAL A 70 -22.73 6.68 -8.97
C VAL A 70 -21.64 6.31 -7.97
N GLY A 71 -20.66 5.53 -8.41
CA GLY A 71 -19.63 5.05 -7.51
C GLY A 71 -18.81 6.16 -6.89
N ASN A 72 -18.47 7.18 -7.68
CA ASN A 72 -17.69 8.28 -7.12
C ASN A 72 -18.55 9.16 -6.22
N THR A 73 -19.85 9.29 -6.52
CA THR A 73 -20.76 9.89 -5.55
C THR A 73 -20.67 9.17 -4.21
N LEU A 74 -20.73 7.84 -4.25
CA LEU A 74 -20.69 7.06 -3.01
C LEU A 74 -19.35 7.21 -2.30
N VAL A 75 -18.26 7.23 -3.07
CA VAL A 75 -16.94 7.42 -2.48
C VAL A 75 -16.87 8.72 -1.71
N CYS A 76 -17.43 9.80 -2.28
CA CYS A 76 -17.45 11.07 -1.56
C CYS A 76 -18.32 11.00 -0.32
N LEU A 77 -19.52 10.42 -0.46
CA LEU A 77 -20.48 10.43 0.65
C LEU A 77 -19.97 9.63 1.84
N ALA A 78 -19.30 8.51 1.58
CA ALA A 78 -18.79 7.69 2.67
C ALA A 78 -17.87 8.50 3.57
N VAL A 79 -16.91 9.22 2.96
CA VAL A 79 -15.99 10.02 3.75
C VAL A 79 -16.69 11.21 4.38
N TRP A 80 -17.71 11.74 3.72
CA TRP A 80 -18.36 12.96 4.22
C TRP A 80 -19.34 12.70 5.34
N ARG A 81 -19.86 11.48 5.47
CA ARG A 81 -20.80 11.19 6.55
C ARG A 81 -20.13 10.59 7.78
N ASN A 82 -19.12 9.74 7.59
CA ASN A 82 -18.55 8.94 8.65
C ASN A 82 -17.22 9.54 9.10
N HIS A 83 -17.11 9.81 10.40
CA HIS A 83 -15.93 10.47 10.94
C HIS A 83 -14.69 9.60 10.86
N HIS A 84 -14.86 8.27 10.97
CA HIS A 84 -13.71 7.38 10.97
C HIS A 84 -13.13 7.17 9.58
N MET A 85 -13.83 7.61 8.53
CA MET A 85 -13.30 7.53 7.17
C MET A 85 -12.36 8.70 6.85
N ARG A 86 -12.28 9.69 7.73
CA ARG A 86 -11.62 10.96 7.43
C ARG A 86 -10.13 10.83 7.73
N THR A 87 -9.43 10.18 6.81
CA THR A 87 -7.98 10.06 6.86
C THR A 87 -7.38 10.72 5.62
N VAL A 88 -6.12 11.14 5.75
CA VAL A 88 -5.44 11.80 4.63
C VAL A 88 -5.60 10.99 3.36
N THR A 89 -5.29 9.69 3.44
CA THR A 89 -5.48 8.80 2.30
C THR A 89 -6.87 8.98 1.71
N ASN A 90 -7.90 8.97 2.56
CA ASN A 90 -9.26 9.05 2.05
C ASN A 90 -9.59 10.43 1.50
N TYR A 91 -9.02 11.50 2.06
CA TYR A 91 -9.23 12.82 1.48
C TYR A 91 -8.68 12.88 0.06
N PHE A 92 -7.46 12.37 -0.15
CA PHE A 92 -6.93 12.34 -1.52
C PHE A 92 -7.82 11.48 -2.42
N ILE A 93 -8.35 10.38 -1.89
CA ILE A 93 -9.24 9.56 -2.71
C ILE A 93 -10.49 10.34 -3.09
N VAL A 94 -11.00 11.16 -2.18
CA VAL A 94 -12.16 11.99 -2.50
C VAL A 94 -11.80 12.95 -3.63
N ASN A 95 -10.60 13.51 -3.61
CA ASN A 95 -10.16 14.36 -4.70
C ASN A 95 -10.18 13.60 -6.03
N LEU A 96 -9.62 12.39 -6.02
CA LEU A 96 -9.67 11.55 -7.21
C LEU A 96 -11.10 11.42 -7.72
N SER A 97 -12.02 11.08 -6.81
CA SER A 97 -13.40 10.85 -7.21
C SER A 97 -14.03 12.10 -7.80
N LEU A 98 -13.71 13.27 -7.24
CA LEU A 98 -14.29 14.50 -7.78
C LEU A 98 -13.77 14.78 -9.19
N ALA A 99 -12.47 14.57 -9.42
CA ALA A 99 -11.96 14.71 -10.79
C ALA A 99 -12.65 13.73 -11.73
N ASP A 100 -12.83 12.48 -11.27
CA ASP A 100 -13.54 11.48 -12.07
C ASP A 100 -14.95 11.94 -12.39
N VAL A 101 -15.61 12.58 -11.43
CA VAL A 101 -16.98 13.03 -11.66
C VAL A 101 -17.01 14.14 -12.69
N LEU A 102 -16.06 15.08 -12.61
CA LEU A 102 -15.95 16.12 -13.62
C LEU A 102 -15.87 15.50 -15.02
N VAL A 103 -14.89 14.61 -15.20
CA VAL A 103 -14.68 13.99 -16.51
C VAL A 103 -15.94 13.25 -16.94
N THR A 104 -16.50 12.43 -16.07
CA THR A 104 -17.69 11.65 -16.41
C THR A 104 -18.82 12.57 -16.84
N ALA A 105 -19.01 13.69 -16.14
CA ALA A 105 -20.15 14.55 -16.39
C ALA A 105 -19.99 15.29 -17.72
N ILE A 106 -18.77 15.69 -18.07
CA ILE A 106 -18.56 16.57 -19.22
C ILE A 106 -18.01 15.82 -20.43
N CYS A 107 -16.86 15.17 -20.28
CA CYS A 107 -16.09 14.75 -21.44
C CYS A 107 -16.56 13.42 -22.00
N LEU A 108 -17.15 12.55 -21.19
CA LEU A 108 -17.61 11.27 -21.71
C LEU A 108 -18.71 11.42 -22.75
N PRO A 109 -19.76 12.22 -22.53
CA PRO A 109 -20.77 12.39 -23.59
C PRO A 109 -20.20 12.94 -24.89
N ALA A 110 -19.37 13.99 -24.79
CA ALA A 110 -18.80 14.58 -26.00
C ALA A 110 -17.93 13.58 -26.75
N SER A 111 -17.14 12.78 -26.01
CA SER A 111 -16.34 11.76 -26.67
C SER A 111 -17.22 10.73 -27.36
N LEU A 112 -18.32 10.32 -26.72
CA LEU A 112 -19.22 9.38 -27.37
C LEU A 112 -19.75 9.95 -28.68
N LEU A 113 -20.30 11.16 -28.63
CA LEU A 113 -20.87 11.76 -29.84
C LEU A 113 -19.81 11.89 -30.93
N VAL A 114 -18.60 12.33 -30.57
CA VAL A 114 -17.59 12.56 -31.59
C VAL A 114 -17.06 11.25 -32.16
N ASP A 115 -16.99 10.20 -31.34
CA ASP A 115 -16.54 8.90 -31.82
C ASP A 115 -17.63 8.16 -32.59
N ILE A 116 -18.89 8.57 -32.44
CA ILE A 116 -19.96 7.99 -33.26
C ILE A 116 -20.10 8.71 -34.59
N THR A 117 -20.13 10.04 -34.57
CA THR A 117 -20.45 10.82 -35.76
C THR A 117 -19.23 11.32 -36.52
N GLU A 118 -18.04 11.31 -35.89
CA GLU A 118 -16.82 11.84 -36.48
C GLU A 118 -16.89 13.35 -36.71
N SER A 119 -17.76 14.04 -35.96
CA SER A 119 -17.95 15.47 -36.09
C SER A 119 -18.06 16.10 -34.71
N TRP A 120 -17.72 17.39 -34.65
CA TRP A 120 -17.82 18.16 -33.40
C TRP A 120 -19.17 18.86 -33.41
N LEU A 121 -20.08 18.42 -32.56
CA LEU A 121 -21.45 18.91 -32.55
C LEU A 121 -21.70 19.96 -31.48
N PHE A 122 -20.65 20.50 -30.86
CA PHE A 122 -20.78 21.59 -29.90
C PHE A 122 -20.14 22.85 -30.46
N GLY A 123 -20.06 23.88 -29.61
CA GLY A 123 -19.59 25.17 -30.05
C GLY A 123 -18.08 25.27 -30.12
N HIS A 124 -17.64 26.37 -30.73
CA HIS A 124 -16.20 26.66 -30.79
C HIS A 124 -15.62 26.82 -29.39
N ALA A 125 -16.39 27.40 -28.47
CA ALA A 125 -15.90 27.58 -27.11
C ALA A 125 -15.63 26.23 -26.44
N LEU A 126 -16.57 25.30 -26.58
CA LEU A 126 -16.38 23.99 -25.96
C LEU A 126 -15.21 23.24 -26.58
N CYS A 127 -14.93 23.48 -27.86
CA CYS A 127 -13.77 22.87 -28.51
C CYS A 127 -12.49 23.14 -27.72
N LYS A 128 -12.43 24.29 -27.03
CA LYS A 128 -11.32 24.56 -26.13
C LYS A 128 -11.60 24.09 -24.71
N VAL A 129 -12.82 24.30 -24.23
CA VAL A 129 -13.11 24.07 -22.82
C VAL A 129 -13.01 22.58 -22.48
N ILE A 130 -13.69 21.73 -23.25
CA ILE A 130 -13.78 20.31 -22.87
C ILE A 130 -12.41 19.64 -22.90
N PRO A 131 -11.59 19.80 -23.94
CA PRO A 131 -10.23 19.22 -23.89
C PRO A 131 -9.40 19.79 -22.76
N TYR A 132 -9.56 21.08 -22.46
CA TYR A 132 -8.91 21.67 -21.30
C TYR A 132 -9.26 20.93 -20.03
N LEU A 133 -10.56 20.70 -19.80
CA LEU A 133 -11.00 20.02 -18.60
C LEU A 133 -10.48 18.59 -18.54
N GLN A 134 -10.45 17.91 -19.69
CA GLN A 134 -9.86 16.57 -19.73
C GLN A 134 -8.41 16.61 -19.25
N ALA A 135 -7.61 17.50 -19.84
CA ALA A 135 -6.20 17.59 -19.45
C ALA A 135 -6.05 17.91 -17.96
N VAL A 136 -6.87 18.83 -17.46
CA VAL A 136 -6.77 19.21 -16.06
C VAL A 136 -7.12 18.03 -15.15
N SER A 137 -8.13 17.25 -15.53
CA SER A 137 -8.51 16.10 -14.72
C SER A 137 -7.40 15.05 -14.71
N VAL A 138 -6.76 14.85 -15.87
CA VAL A 138 -5.60 13.95 -15.91
C VAL A 138 -4.55 14.43 -14.92
N SER A 139 -4.20 15.71 -14.99
CA SER A 139 -3.21 16.28 -14.08
C SER A 139 -3.59 16.03 -12.63
N VAL A 140 -4.84 16.32 -12.28
CA VAL A 140 -5.27 16.22 -10.90
C VAL A 140 -5.21 14.78 -10.41
N LYS A 141 -5.68 13.84 -11.23
CA LYS A 141 -5.62 12.43 -10.84
C LYS A 141 -4.18 11.99 -10.60
N VAL A 142 -3.26 12.39 -11.48
CA VAL A 142 -1.88 11.98 -11.33
C VAL A 142 -1.27 12.57 -10.06
N LEU A 143 -1.49 13.87 -9.84
CA LEU A 143 -0.91 14.52 -8.65
C LEU A 143 -1.50 13.96 -7.37
N THR A 144 -2.78 13.59 -7.39
CA THR A 144 -3.40 13.03 -6.19
C THR A 144 -2.84 11.65 -5.89
N LEU A 145 -2.75 10.78 -6.90
CA LEU A 145 -2.10 9.49 -6.68
C LEU A 145 -0.67 9.68 -6.18
N SER A 146 0.01 10.71 -6.68
CA SER A 146 1.40 10.94 -6.27
C SER A 146 1.48 11.30 -4.80
N PHE A 147 0.62 12.21 -4.33
CA PHE A 147 0.68 12.52 -2.90
C PHE A 147 0.24 11.32 -2.05
N ILE A 148 -0.71 10.52 -2.54
CA ILE A 148 -1.06 9.31 -1.79
C ILE A 148 0.16 8.43 -1.61
N ALA A 149 0.88 8.20 -2.71
CA ALA A 149 2.10 7.39 -2.65
C ALA A 149 3.12 8.01 -1.69
N LEU A 150 3.25 9.34 -1.72
CA LEU A 150 4.23 10.00 -0.87
C LEU A 150 3.89 9.88 0.61
N ASP A 151 2.61 10.09 0.95
CA ASP A 151 2.16 9.96 2.33
C ASP A 151 2.42 8.55 2.85
N ARG A 152 1.99 7.53 2.08
CA ARG A 152 2.25 6.16 2.50
C ARG A 152 3.74 5.90 2.59
N TRP A 153 4.54 6.53 1.71
CA TRP A 153 5.97 6.30 1.71
C TRP A 153 6.60 6.78 3.01
N TYR A 154 6.30 8.01 3.45
CA TYR A 154 6.83 8.40 4.75
C TYR A 154 6.28 7.49 5.84
N ALA A 155 4.94 7.31 5.87
CA ALA A 155 4.33 6.59 6.99
C ALA A 155 4.92 5.21 7.19
N ILE A 156 5.41 4.58 6.12
CA ILE A 156 5.92 3.21 6.18
C ILE A 156 7.44 3.18 6.28
N CYS A 157 8.13 3.93 5.42
CA CYS A 157 9.58 3.83 5.31
C CYS A 157 10.33 4.78 6.24
N HIS A 158 9.68 5.86 6.70
CA HIS A 158 10.32 6.85 7.56
C HIS A 158 9.28 7.32 8.57
N PRO A 159 8.85 6.44 9.47
CA PRO A 159 7.75 6.80 10.38
C PRO A 159 8.08 7.94 11.33
N LEU A 160 9.35 8.19 11.62
CA LEU A 160 9.71 9.27 12.54
C LEU A 160 9.56 10.64 11.89
N LEU A 161 9.70 10.72 10.57
CA LEU A 161 9.62 11.98 9.85
C LEU A 161 8.22 12.24 9.29
N PHE A 162 7.24 11.44 9.72
CA PHE A 162 5.90 11.44 9.11
C PHE A 162 5.04 12.45 9.86
N LYS A 163 5.10 13.70 9.41
CA LYS A 163 4.29 14.80 9.92
C LYS A 163 3.25 15.11 8.84
N SER A 164 2.02 14.62 9.05
CA SER A 164 0.94 14.74 8.07
C SER A 164 -0.37 14.96 8.79
N THR A 165 -1.13 15.96 8.35
CA THR A 165 -2.40 16.30 8.98
C THR A 165 -3.42 16.61 7.89
N ALA A 166 -4.66 16.91 8.31
CA ALA A 166 -5.69 17.30 7.36
C ALA A 166 -5.45 18.69 6.81
N ARG A 167 -4.85 19.58 7.61
CA ARG A 167 -4.48 20.90 7.12
C ARG A 167 -3.54 20.81 5.93
N ARG A 168 -2.47 20.03 6.08
CA ARG A 168 -1.55 19.80 4.97
C ARG A 168 -2.29 19.27 3.75
N ALA A 169 -3.25 18.37 3.95
CA ALA A 169 -3.96 17.77 2.82
C ALA A 169 -4.83 18.79 2.11
N ARG A 170 -5.55 19.63 2.86
CA ARG A 170 -6.35 20.67 2.24
C ARG A 170 -5.46 21.60 1.41
N GLY A 171 -4.37 22.07 2.01
CA GLY A 171 -3.45 22.91 1.25
C GLY A 171 -2.93 22.22 0.01
N SER A 172 -2.57 20.95 0.13
CA SER A 172 -2.00 20.22 -0.99
C SER A 172 -3.02 20.07 -2.12
N ILE A 173 -4.28 19.81 -1.77
CA ILE A 173 -5.30 19.64 -2.80
C ILE A 173 -5.57 20.94 -3.53
N LEU A 174 -5.63 22.05 -2.78
CA LEU A 174 -5.79 23.34 -3.44
C LEU A 174 -4.61 23.62 -4.37
N GLY A 175 -3.40 23.27 -3.93
CA GLY A 175 -2.24 23.45 -4.80
C GLY A 175 -2.31 22.59 -6.06
N ILE A 176 -2.76 21.35 -5.91
CA ILE A 176 -2.93 20.47 -7.05
C ILE A 176 -3.86 21.11 -8.07
N TRP A 177 -5.02 21.59 -7.61
CA TRP A 177 -5.98 22.17 -8.55
C TRP A 177 -5.42 23.43 -9.19
N ALA A 178 -4.76 24.29 -8.42
CA ALA A 178 -4.19 25.51 -9.00
C ALA A 178 -3.17 25.16 -10.08
N VAL A 179 -2.23 24.27 -9.78
CA VAL A 179 -1.19 23.94 -10.74
C VAL A 179 -1.80 23.29 -11.98
N SER A 180 -2.74 22.37 -11.78
CA SER A 180 -3.37 21.71 -12.92
C SER A 180 -4.07 22.73 -13.81
N LEU A 181 -4.79 23.66 -13.20
CA LEU A 181 -5.50 24.66 -13.99
C LEU A 181 -4.53 25.58 -14.73
N ALA A 182 -3.42 25.94 -14.10
CA ALA A 182 -2.48 26.87 -14.73
C ALA A 182 -1.72 26.19 -15.87
N ILE A 183 -1.33 24.93 -15.68
CA ILE A 183 -0.41 24.28 -16.61
C ILE A 183 -1.09 23.80 -17.89
N MET A 184 -2.41 23.60 -17.88
CA MET A 184 -3.11 23.11 -19.06
C MET A 184 -3.75 24.23 -19.86
N VAL A 185 -3.49 25.49 -19.50
CA VAL A 185 -3.96 26.60 -20.32
C VAL A 185 -3.43 26.49 -21.74
N PRO A 186 -2.21 26.02 -21.98
CA PRO A 186 -1.72 25.92 -23.38
C PRO A 186 -2.62 25.11 -24.30
N GLN A 187 -3.08 23.93 -23.87
CA GLN A 187 -4.01 23.17 -24.70
C GLN A 187 -5.24 24.00 -25.02
N ALA A 188 -5.92 24.53 -23.99
CA ALA A 188 -7.09 25.36 -24.23
C ALA A 188 -6.78 26.44 -25.27
N ALA A 189 -5.55 26.96 -25.24
CA ALA A 189 -5.17 28.00 -26.20
C ALA A 189 -5.11 27.44 -27.62
N VAL A 190 -4.56 26.23 -27.79
CA VAL A 190 -4.29 25.76 -29.14
C VAL A 190 -5.46 25.04 -29.81
N MET A 191 -6.45 24.57 -29.03
CA MET A 191 -7.59 23.88 -29.64
C MET A 191 -8.37 24.84 -30.53
N GLU A 192 -8.82 24.33 -31.68
CA GLU A 192 -9.64 25.14 -32.59
C GLU A 192 -10.61 24.24 -33.34
N CYS A 193 -11.72 24.84 -33.76
CA CYS A 193 -12.79 24.17 -34.51
C CYS A 193 -12.65 24.59 -35.97
N SER A 194 -12.34 23.63 -36.83
CA SER A 194 -12.13 23.86 -38.24
C SER A 194 -12.96 22.88 -39.05
N SER A 195 -13.11 23.16 -40.34
CA SER A 195 -13.90 22.29 -41.19
C SER A 195 -13.18 22.01 -42.50
N VAL A 196 -13.46 22.82 -43.52
CA VAL A 196 -12.95 22.57 -44.86
C VAL A 196 -11.43 22.71 -44.89
N LEU A 197 -10.84 22.47 -46.05
CA LEU A 197 -9.40 22.61 -46.21
C LEU A 197 -8.97 24.03 -45.87
N PRO A 198 -7.91 24.22 -45.09
CA PRO A 198 -7.34 25.57 -44.96
C PRO A 198 -6.92 26.11 -46.31
N GLU A 199 -7.10 27.42 -46.49
CA GLU A 199 -6.67 28.15 -47.69
C GLU A 199 -7.58 27.87 -48.88
N LEU A 200 -8.83 27.49 -48.64
CA LEU A 200 -9.77 27.12 -49.69
C LEU A 200 -10.87 28.17 -49.77
N ALA A 201 -11.17 28.62 -50.97
CA ALA A 201 -12.17 29.67 -51.14
C ALA A 201 -13.57 29.14 -50.83
N ASN A 202 -13.88 27.92 -51.26
CA ASN A 202 -15.19 27.34 -51.03
C ASN A 202 -15.28 26.81 -49.60
N ARG A 203 -16.19 27.37 -48.81
CA ARG A 203 -16.36 26.98 -47.42
C ARG A 203 -17.51 26.01 -47.23
N THR A 204 -18.09 25.48 -48.30
CA THR A 204 -19.19 24.54 -48.19
C THR A 204 -18.75 23.31 -47.42
N ARG A 205 -19.58 22.88 -46.47
CA ARG A 205 -19.21 21.80 -45.57
C ARG A 205 -20.47 21.11 -45.07
N LEU A 206 -20.30 19.87 -44.62
CA LEU A 206 -21.36 19.13 -43.95
C LEU A 206 -21.22 19.15 -42.44
N PHE A 207 -20.00 19.28 -41.93
CA PHE A 207 -19.78 19.32 -40.49
C PHE A 207 -18.40 19.87 -40.22
N SER A 208 -18.19 20.28 -38.98
CA SER A 208 -16.91 20.78 -38.51
C SER A 208 -16.36 19.85 -37.43
N VAL A 209 -15.06 20.00 -37.17
CA VAL A 209 -14.32 19.14 -36.24
C VAL A 209 -13.49 20.02 -35.31
N CYS A 210 -12.95 19.38 -34.27
CA CYS A 210 -12.21 20.06 -33.20
C CYS A 210 -10.87 19.39 -33.03
N ASP A 211 -9.78 20.13 -33.24
CA ASP A 211 -8.45 19.56 -33.16
C ASP A 211 -7.44 20.67 -32.83
N GLU A 212 -6.19 20.27 -32.67
CA GLU A 212 -5.16 21.19 -32.20
C GLU A 212 -4.58 22.01 -33.35
N ARG A 213 -4.57 23.33 -33.18
CA ARG A 213 -4.04 24.28 -34.16
C ARG A 213 -2.74 24.84 -33.61
N TRP A 214 -1.63 24.53 -34.27
CA TRP A 214 -0.31 25.00 -33.86
C TRP A 214 0.31 25.77 -35.02
N ALA A 215 0.71 27.03 -34.76
CA ALA A 215 1.40 27.80 -35.78
C ALA A 215 2.84 27.32 -35.99
N ASP A 216 3.42 26.66 -34.99
CA ASP A 216 4.76 26.10 -35.09
C ASP A 216 4.66 24.60 -35.38
N ASP A 217 5.53 24.13 -36.27
CA ASP A 217 5.48 22.75 -36.72
C ASP A 217 6.34 21.81 -35.89
N LEU A 218 7.15 22.34 -34.96
CA LEU A 218 8.00 21.51 -34.11
C LEU A 218 7.66 21.62 -32.64
N TYR A 219 7.29 22.81 -32.16
CA TYR A 219 6.93 22.93 -30.75
C TYR A 219 5.80 21.98 -30.33
N PRO A 220 4.87 21.57 -31.20
CA PRO A 220 3.90 20.55 -30.78
C PRO A 220 4.54 19.26 -30.31
N LYS A 221 5.62 18.84 -31.00
CA LYS A 221 6.38 17.68 -30.54
C LYS A 221 6.88 17.90 -29.12
N ILE A 222 7.38 19.11 -28.83
CA ILE A 222 7.86 19.41 -27.49
C ILE A 222 6.71 19.34 -26.49
N TYR A 223 5.58 19.97 -26.81
CA TYR A 223 4.46 19.97 -25.87
C TYR A 223 4.04 18.55 -25.54
N HIS A 224 3.85 17.71 -26.55
CA HIS A 224 3.32 16.38 -26.29
C HIS A 224 4.36 15.45 -25.67
N SER A 225 5.66 15.68 -25.95
CA SER A 225 6.69 14.94 -25.23
C SER A 225 6.70 15.33 -23.76
N CYS A 226 6.73 16.64 -23.49
CA CYS A 226 6.72 17.12 -22.12
C CYS A 226 5.51 16.61 -21.36
N PHE A 227 4.37 16.52 -22.02
CA PHE A 227 3.15 16.17 -21.30
C PHE A 227 2.96 14.67 -21.20
N PHE A 228 3.50 13.88 -22.13
CA PHE A 228 3.68 12.46 -21.88
C PHE A 228 4.51 12.25 -20.63
N ILE A 229 5.66 12.91 -20.53
CA ILE A 229 6.57 12.65 -19.43
C ILE A 229 6.00 13.16 -18.11
N VAL A 230 5.40 14.35 -18.12
CA VAL A 230 4.93 14.95 -16.88
C VAL A 230 3.69 14.22 -16.38
N THR A 231 2.70 14.01 -17.23
CA THR A 231 1.43 13.48 -16.76
C THR A 231 1.38 11.97 -16.69
N TYR A 232 2.45 11.28 -17.09
CA TYR A 232 2.39 9.82 -17.10
C TYR A 232 3.70 9.19 -16.67
N LEU A 233 4.76 9.41 -17.45
CA LEU A 233 5.98 8.64 -17.29
C LEU A 233 6.64 8.90 -15.94
N ALA A 234 7.09 10.13 -15.73
CA ALA A 234 7.84 10.44 -14.51
C ALA A 234 7.05 10.17 -13.23
N PRO A 235 5.80 10.61 -13.09
CA PRO A 235 5.08 10.33 -11.84
C PRO A 235 4.84 8.86 -11.61
N LEU A 236 4.61 8.08 -12.68
CA LEU A 236 4.41 6.64 -12.49
C LEU A 236 5.71 5.97 -12.09
N GLY A 237 6.85 6.38 -12.67
CA GLY A 237 8.12 5.82 -12.22
C GLY A 237 8.44 6.16 -10.79
N LEU A 238 8.15 7.40 -10.38
CA LEU A 238 8.39 7.78 -8.99
C LEU A 238 7.50 7.01 -8.03
N MET A 239 6.21 6.89 -8.36
CA MET A 239 5.31 6.11 -7.51
C MET A 239 5.70 4.64 -7.51
N ALA A 240 6.26 4.14 -8.61
CA ALA A 240 6.75 2.76 -8.63
C ALA A 240 7.91 2.59 -7.67
N MET A 241 8.84 3.55 -7.64
CA MET A 241 9.91 3.52 -6.65
C MET A 241 9.33 3.50 -5.23
N ALA A 242 8.41 4.44 -4.96
CA ALA A 242 7.83 4.54 -3.63
C ALA A 242 7.19 3.22 -3.21
N TYR A 243 6.40 2.62 -4.09
CA TYR A 243 5.68 1.40 -3.72
C TYR A 243 6.61 0.19 -3.67
N PHE A 244 7.67 0.16 -4.47
CA PHE A 244 8.67 -0.88 -4.31
C PHE A 244 9.23 -0.84 -2.89
N GLN A 245 9.65 0.34 -2.44
CA GLN A 245 10.21 0.45 -1.09
C GLN A 245 9.16 0.12 -0.04
N ILE A 246 7.91 0.53 -0.27
CA ILE A 246 6.82 0.23 0.66
C ILE A 246 6.65 -1.29 0.79
N PHE A 247 6.37 -1.96 -0.33
CA PHE A 247 6.14 -3.39 -0.29
C PHE A 247 7.38 -4.16 0.14
N ARG A 248 8.56 -3.55 0.08
CA ARG A 248 9.72 -4.24 0.63
C ARG A 248 9.80 -4.08 2.14
N LYS A 249 9.33 -2.95 2.68
CA LYS A 249 9.19 -2.83 4.12
C LYS A 249 8.09 -3.73 4.67
N LEU A 250 7.14 -4.15 3.83
CA LEU A 250 5.96 -4.85 4.31
C LEU A 250 6.00 -6.36 4.05
N TRP A 251 7.01 -6.87 3.35
CA TRP A 251 7.04 -8.30 3.07
C TRP A 251 7.18 -9.09 4.36
N GLY A 252 6.40 -10.17 4.47
CA GLY A 252 6.48 -11.05 5.61
C GLY A 252 5.82 -10.57 6.86
N ARG A 253 5.08 -9.48 6.79
CA ARG A 253 4.47 -8.85 7.95
C ARG A 253 2.96 -8.89 7.74
N GLN A 254 2.34 -9.99 8.18
CA GLN A 254 0.89 -10.15 8.13
C GLN A 254 0.39 -10.68 9.47
N GLY A 255 1.14 -10.38 10.57
CA GLY A 255 0.71 -10.60 11.97
C GLY A 255 0.84 -12.06 12.37
N ILE A 256 0.28 -12.40 13.53
CA ILE A 256 0.19 -13.78 14.08
C ILE A 256 -1.30 -14.14 14.20
N ASP A 257 -1.58 -15.43 14.37
CA ASP A 257 -2.94 -15.98 14.52
C ASP A 257 -3.41 -15.73 15.94
N CYS A 258 -3.98 -14.52 16.18
CA CYS A 258 -4.44 -14.13 17.51
C CYS A 258 -5.47 -15.12 18.07
N SER A 259 -6.17 -15.87 17.21
CA SER A 259 -7.17 -16.81 17.70
C SER A 259 -6.56 -18.10 18.22
N PHE A 260 -5.33 -18.42 17.81
CA PHE A 260 -4.61 -19.56 18.37
C PHE A 260 -3.77 -19.16 19.57
N TRP A 261 -3.09 -18.02 19.50
CA TRP A 261 -2.20 -17.57 20.56
C TRP A 261 -3.00 -16.72 21.55
N ASN A 262 -3.62 -17.38 22.51
CA ASN A 262 -4.35 -16.68 23.57
C ASN A 262 -4.61 -17.65 24.70
N GLU A 263 -4.71 -17.12 25.92
CA GLU A 263 -4.80 -17.97 27.10
C GLU A 263 -6.08 -18.78 27.15
N SER A 264 -7.03 -18.55 26.25
CA SER A 264 -8.35 -19.14 26.39
C SER A 264 -8.30 -20.67 26.42
N TYR A 265 -7.28 -21.29 25.82
CA TYR A 265 -7.17 -22.74 25.76
C TYR A 265 -6.25 -23.31 26.83
N LEU A 266 -5.83 -22.48 27.79
CA LEU A 266 -5.04 -22.93 28.92
C LEU A 266 -5.95 -23.16 30.12
N THR A 267 -5.48 -23.98 31.06
CA THR A 267 -6.22 -24.30 32.26
C THR A 267 -5.48 -23.77 33.48
N GLY A 268 -6.25 -23.45 34.52
CA GLY A 268 -5.67 -23.07 35.79
C GLY A 268 -5.13 -21.65 35.79
N SER A 269 -4.18 -21.42 36.69
CA SER A 269 -3.54 -20.14 36.87
C SER A 269 -2.05 -20.26 36.52
N ARG A 270 -1.43 -19.12 36.22
CA ARG A 270 -0.02 -19.16 35.85
C ARG A 270 0.83 -19.74 36.97
N ASP A 271 0.45 -19.52 38.23
CA ASP A 271 1.22 -20.10 39.33
C ASP A 271 1.21 -21.62 39.24
N GLU A 272 0.03 -22.22 39.11
CA GLU A 272 -0.04 -23.68 39.03
C GLU A 272 0.60 -24.19 37.73
N ARG A 273 0.42 -23.47 36.62
CA ARG A 273 1.04 -23.92 35.38
C ARG A 273 2.56 -23.91 35.50
N LYS A 274 3.12 -22.87 36.12
CA LYS A 274 4.56 -22.80 36.30
C LYS A 274 5.04 -23.90 37.24
N LYS A 275 4.36 -24.08 38.37
CA LYS A 275 4.68 -25.18 39.27
C LYS A 275 4.71 -26.51 38.52
N SER A 276 3.67 -26.77 37.73
CA SER A 276 3.55 -28.05 37.04
C SER A 276 4.65 -28.22 36.01
N LEU A 277 4.94 -27.17 35.24
CA LEU A 277 6.02 -27.26 34.25
C LEU A 277 7.35 -27.57 34.93
N LEU A 278 7.68 -26.81 35.98
CA LEU A 278 8.95 -27.03 36.66
C LEU A 278 9.00 -28.39 37.34
N SER A 279 7.86 -28.92 37.76
CA SER A 279 7.85 -30.24 38.38
C SER A 279 8.02 -31.34 37.33
N LYS A 280 7.42 -31.16 36.15
CA LYS A 280 7.64 -32.11 35.07
C LYS A 280 9.11 -32.11 34.64
N PHE A 281 9.73 -30.95 34.60
CA PHE A 281 11.12 -30.87 34.18
C PHE A 281 12.09 -31.28 35.29
N GLY A 282 11.69 -31.16 36.55
CA GLY A 282 12.53 -31.59 37.65
C GLY A 282 13.18 -30.45 38.39
N MET A 283 12.42 -29.38 38.62
CA MET A 283 12.93 -28.20 39.29
C MET A 283 11.92 -27.72 40.33
N ASP A 284 12.41 -27.02 41.34
CA ASP A 284 11.55 -26.38 42.32
C ASP A 284 11.10 -25.02 41.79
N GLU A 285 10.05 -24.48 42.41
CA GLU A 285 9.44 -23.25 41.90
C GLU A 285 10.45 -22.11 41.93
N GLY A 286 10.40 -21.27 40.91
CA GLY A 286 11.31 -20.13 40.82
C GLY A 286 10.95 -19.27 39.64
N VAL A 287 11.78 -18.25 39.43
CA VAL A 287 11.58 -17.31 38.33
C VAL A 287 12.11 -17.96 37.06
N THR A 288 11.20 -18.30 36.14
CA THR A 288 11.52 -19.10 34.97
C THR A 288 11.75 -18.21 33.76
N PHE A 289 12.92 -18.37 33.12
CA PHE A 289 13.21 -17.76 31.83
C PHE A 289 13.31 -18.86 30.79
N MET A 290 12.92 -18.54 29.57
CA MET A 290 12.87 -19.52 28.49
C MET A 290 13.44 -18.90 27.23
N PHE A 291 14.13 -19.73 26.44
CA PHE A 291 14.51 -19.34 25.09
C PHE A 291 14.19 -20.48 24.14
N ILE A 292 13.59 -20.13 23.00
CA ILE A 292 13.29 -21.07 21.93
C ILE A 292 13.91 -20.51 20.66
N GLY A 293 14.68 -21.33 19.95
CA GLY A 293 15.20 -20.89 18.68
C GLY A 293 16.28 -21.79 18.15
N ARG A 294 16.72 -21.47 16.93
CA ARG A 294 17.83 -22.17 16.32
C ARG A 294 19.09 -21.96 17.15
N PHE A 295 19.84 -23.04 17.36
CA PHE A 295 21.15 -22.95 18.02
C PHE A 295 22.17 -22.45 16.99
N ASP A 296 22.02 -21.18 16.63
CA ASP A 296 22.87 -20.53 15.65
C ASP A 296 23.84 -19.59 16.34
N ARG A 297 25.09 -19.62 15.89
CA ARG A 297 26.10 -18.67 16.33
C ARG A 297 26.05 -17.47 15.38
N GLY A 298 25.65 -16.32 15.90
CA GLY A 298 25.64 -15.10 15.13
C GLY A 298 24.30 -14.70 14.56
N GLN A 299 23.23 -15.44 14.86
CA GLN A 299 21.90 -15.07 14.40
C GLN A 299 20.90 -15.04 15.55
N LYS A 300 20.43 -16.22 15.98
CA LYS A 300 19.44 -16.28 17.05
C LYS A 300 20.05 -16.09 18.43
N GLY A 301 21.38 -16.15 18.54
CA GLY A 301 22.05 -15.67 19.72
C GLY A 301 22.03 -16.57 20.93
N VAL A 302 21.91 -17.87 20.74
CA VAL A 302 21.92 -18.77 21.90
C VAL A 302 23.29 -18.77 22.56
N ASP A 303 24.36 -18.56 21.77
CA ASP A 303 25.70 -18.46 22.36
C ASP A 303 25.74 -17.37 23.43
N VAL A 304 25.14 -16.21 23.14
CA VAL A 304 25.13 -15.12 24.11
C VAL A 304 24.40 -15.54 25.38
N LEU A 305 23.29 -16.24 25.24
CA LEU A 305 22.53 -16.66 26.42
C LEU A 305 23.32 -17.65 27.25
N LEU A 306 24.00 -18.60 26.61
CA LEU A 306 24.82 -19.55 27.35
C LEU A 306 25.95 -18.83 28.09
N LYS A 307 26.58 -17.87 27.43
CA LYS A 307 27.67 -17.14 28.09
C LYS A 307 27.14 -16.32 29.26
N ALA A 308 25.94 -15.75 29.13
CA ALA A 308 25.36 -15.00 30.24
C ALA A 308 25.00 -15.92 31.39
N ILE A 309 24.52 -17.12 31.08
CA ILE A 309 24.27 -18.10 32.14
C ILE A 309 25.56 -18.43 32.88
N GLU A 310 26.67 -18.56 32.14
CA GLU A 310 27.95 -18.80 32.81
C GLU A 310 28.34 -17.61 33.68
N ILE A 311 28.15 -16.39 33.16
CA ILE A 311 28.45 -15.20 33.96
C ILE A 311 27.67 -15.23 35.27
N LEU A 312 26.40 -15.62 35.21
CA LEU A 312 25.57 -15.64 36.40
C LEU A 312 25.75 -16.90 37.24
N SER A 313 26.47 -17.91 36.73
CA SER A 313 26.70 -19.12 37.52
C SER A 313 27.35 -18.83 38.86
N SER A 314 27.95 -17.64 39.01
CA SER A 314 28.47 -17.17 40.28
C SER A 314 27.41 -16.35 40.99
N LYS A 315 27.80 -15.20 41.55
CA LYS A 315 26.85 -14.29 42.18
C LYS A 315 26.14 -15.05 43.31
N LYS A 316 24.91 -14.65 43.63
CA LYS A 316 24.17 -15.28 44.73
C LYS A 316 22.74 -15.55 44.29
N GLU A 317 22.19 -14.64 43.51
CA GLU A 317 20.78 -14.68 43.11
C GLU A 317 20.50 -15.71 42.03
N PHE A 318 21.54 -16.32 41.46
CA PHE A 318 21.35 -17.38 40.47
C PHE A 318 20.47 -18.49 41.01
N GLN A 319 20.46 -18.68 42.33
CA GLN A 319 19.67 -19.76 42.91
C GLN A 319 18.17 -19.50 42.82
N GLU A 320 17.75 -18.24 42.69
CA GLU A 320 16.34 -17.94 42.59
C GLU A 320 15.80 -18.10 41.16
N MET A 321 16.66 -18.39 40.19
CA MET A 321 16.28 -18.40 38.79
C MET A 321 16.31 -19.81 38.22
N ARG A 322 15.45 -20.02 37.23
CA ARG A 322 15.33 -21.27 36.50
C ARG A 322 15.42 -20.92 35.02
N PHE A 323 16.11 -21.74 34.23
CA PHE A 323 16.16 -21.48 32.80
C PHE A 323 15.85 -22.73 31.99
N ILE A 324 15.12 -22.52 30.91
CA ILE A 324 14.77 -23.53 29.92
C ILE A 324 15.29 -23.06 28.57
N ILE A 325 16.04 -23.93 27.89
CA ILE A 325 16.62 -23.61 26.58
C ILE A 325 16.16 -24.66 25.60
N ILE A 326 15.57 -24.24 24.49
CA ILE A 326 14.84 -25.12 23.59
C ILE A 326 15.31 -24.85 22.16
N GLY A 327 15.66 -25.91 21.44
CA GLY A 327 15.94 -25.75 20.03
C GLY A 327 16.82 -26.89 19.51
N LYS A 328 17.47 -26.59 18.39
CA LYS A 328 18.28 -27.55 17.65
C LYS A 328 19.23 -26.76 16.77
N GLY A 329 20.39 -27.35 16.47
CA GLY A 329 21.39 -26.65 15.68
C GLY A 329 22.70 -27.41 15.54
N ASP A 330 23.82 -26.68 15.61
CA ASP A 330 25.12 -27.32 15.41
C ASP A 330 25.58 -28.00 16.70
N PRO A 331 26.46 -28.99 16.58
CA PRO A 331 26.86 -29.74 17.78
C PRO A 331 27.49 -28.90 18.87
N GLU A 332 28.29 -27.89 18.52
CA GLU A 332 28.98 -27.10 19.54
C GLU A 332 27.99 -26.56 20.57
N LEU A 333 26.96 -25.86 20.10
CA LEU A 333 26.06 -25.16 21.01
C LEU A 333 25.17 -26.12 21.77
N GLU A 334 24.69 -27.19 21.12
CA GLU A 334 23.95 -28.21 21.85
C GLU A 334 24.79 -28.80 22.96
N GLY A 335 26.07 -29.09 22.67
CA GLY A 335 26.94 -29.65 23.69
C GLY A 335 27.17 -28.70 24.85
N TRP A 336 27.39 -27.43 24.55
CA TRP A 336 27.66 -26.45 25.61
C TRP A 336 26.40 -26.23 26.46
N ALA A 337 25.23 -26.27 25.83
CA ALA A 337 23.98 -26.19 26.59
C ALA A 337 23.80 -27.41 27.48
N ARG A 338 24.07 -28.62 26.95
CA ARG A 338 23.95 -29.81 27.78
C ARG A 338 24.98 -29.82 28.90
N SER A 339 26.16 -29.26 28.66
CA SER A 339 27.15 -29.14 29.72
C SER A 339 26.64 -28.23 30.84
N LEU A 340 26.04 -27.10 30.48
CA LEU A 340 25.45 -26.25 31.51
C LEU A 340 24.28 -26.93 32.21
N GLU A 341 23.54 -27.79 31.49
CA GLU A 341 22.48 -28.55 32.12
C GLU A 341 23.05 -29.50 33.18
N GLU A 342 24.12 -30.22 32.82
CA GLU A 342 24.74 -31.16 33.76
C GLU A 342 25.33 -30.41 34.95
N LYS A 343 25.87 -29.22 34.72
CA LYS A 343 26.53 -28.47 35.79
C LYS A 343 25.51 -27.93 36.80
N HIS A 344 24.38 -27.42 36.30
CA HIS A 344 23.42 -26.70 37.12
C HIS A 344 22.07 -27.40 37.08
N GLY A 345 21.49 -27.64 38.25
CA GLY A 345 20.21 -28.29 38.34
C GLY A 345 19.04 -27.41 37.94
N ASN A 346 19.23 -26.09 37.90
CA ASN A 346 18.18 -25.17 37.52
C ASN A 346 18.23 -24.80 36.04
N VAL A 347 18.98 -25.54 35.23
CA VAL A 347 19.06 -25.32 33.80
C VAL A 347 18.59 -26.59 33.11
N LYS A 348 17.62 -26.46 32.21
CA LYS A 348 17.12 -27.58 31.42
C LYS A 348 17.21 -27.25 29.94
N VAL A 349 17.50 -28.28 29.15
CA VAL A 349 17.62 -28.13 27.70
C VAL A 349 16.69 -29.11 27.02
N ILE A 350 15.98 -28.63 26.01
CA ILE A 350 15.00 -29.40 25.26
C ILE A 350 15.42 -29.36 23.79
N THR A 351 15.64 -30.55 23.22
CA THR A 351 15.89 -30.69 21.80
C THR A 351 14.82 -31.54 21.12
N GLU A 352 13.80 -31.97 21.86
CA GLU A 352 12.69 -32.70 21.28
C GLU A 352 11.87 -31.78 20.38
N MET A 353 11.16 -32.39 19.44
CA MET A 353 10.27 -31.66 18.54
C MET A 353 8.94 -31.40 19.24
N LEU A 354 8.53 -30.14 19.30
CA LEU A 354 7.40 -29.73 20.10
C LEU A 354 6.26 -29.24 19.21
N SER A 355 5.03 -29.45 19.69
CA SER A 355 3.86 -28.97 18.97
C SER A 355 3.66 -27.49 19.23
N ARG A 356 3.01 -26.81 18.27
CA ARG A 356 2.66 -25.41 18.48
C ARG A 356 1.85 -25.25 19.76
N GLU A 357 1.01 -26.24 20.07
CA GLU A 357 0.14 -26.17 21.23
C GLU A 357 0.95 -26.18 22.53
N PHE A 358 2.01 -26.99 22.58
CA PHE A 358 2.83 -26.99 23.78
C PHE A 358 3.70 -25.75 23.88
N VAL A 359 4.15 -25.21 22.75
CA VAL A 359 4.81 -23.91 22.79
C VAL A 359 3.87 -22.88 23.40
N ARG A 360 2.60 -22.91 22.98
CA ARG A 360 1.61 -22.00 23.56
C ARG A 360 1.51 -22.19 25.06
N GLU A 361 1.44 -23.44 25.51
CA GLU A 361 1.34 -23.67 26.95
C GLU A 361 2.59 -23.16 27.68
N LEU A 362 3.75 -23.34 27.08
CA LEU A 362 4.99 -22.84 27.68
C LEU A 362 4.94 -21.33 27.83
N TYR A 363 4.60 -20.62 26.75
CA TYR A 363 4.56 -19.15 26.80
C TYR A 363 3.63 -18.66 27.90
N GLY A 364 2.52 -19.37 28.12
CA GLY A 364 1.57 -19.05 29.15
C GLY A 364 1.87 -19.63 30.50
N SER A 365 3.05 -20.20 30.69
CA SER A 365 3.47 -20.73 31.98
C SER A 365 4.67 -20.01 32.54
N VAL A 366 5.68 -19.74 31.73
CA VAL A 366 6.93 -19.16 32.19
C VAL A 366 6.70 -17.73 32.67
N ASP A 367 7.77 -17.08 33.12
CA ASP A 367 7.71 -15.70 33.58
C ASP A 367 8.24 -14.73 32.52
N PHE A 368 9.47 -14.93 32.05
CA PHE A 368 9.97 -14.14 30.92
C PHE A 368 10.47 -15.05 29.80
N VAL A 369 10.62 -14.43 28.63
CA VAL A 369 11.20 -15.04 27.45
C VAL A 369 12.40 -14.20 27.03
N ILE A 370 13.48 -14.86 26.65
CA ILE A 370 14.72 -14.19 26.27
C ILE A 370 14.93 -14.40 24.77
N ILE A 371 15.21 -13.31 24.06
CA ILE A 371 15.48 -13.37 22.62
C ILE A 371 16.84 -12.71 22.36
N PRO A 372 17.94 -13.46 22.44
CA PRO A 372 19.26 -12.85 22.32
C PRO A 372 19.75 -12.73 20.89
N SER A 373 18.82 -12.70 19.93
CA SER A 373 19.18 -12.71 18.52
C SER A 373 20.09 -11.54 18.17
N TYR A 374 20.93 -11.74 17.15
CA TYR A 374 21.70 -10.63 16.60
C TYR A 374 20.96 -9.89 15.49
N PHE A 375 20.20 -10.58 14.62
CA PHE A 375 19.58 -9.94 13.46
C PHE A 375 18.09 -10.24 13.33
N GLU A 376 17.37 -10.39 14.43
CA GLU A 376 15.94 -10.70 14.36
C GLU A 376 15.20 -9.70 13.47
N PRO A 377 14.63 -10.13 12.33
CA PRO A 377 13.99 -9.16 11.43
C PRO A 377 12.48 -9.04 11.61
N PHE A 378 11.83 -10.05 12.18
CA PHE A 378 10.38 -10.04 12.35
C PHE A 378 9.94 -10.01 13.81
N GLY A 379 10.44 -10.93 14.63
CA GLY A 379 10.06 -10.96 16.02
C GLY A 379 8.79 -11.70 16.30
N LEU A 380 8.48 -12.74 15.54
CA LEU A 380 7.26 -13.50 15.79
C LEU A 380 7.26 -14.12 17.17
N VAL A 381 8.44 -14.44 17.71
CA VAL A 381 8.51 -15.01 19.05
C VAL A 381 7.96 -14.02 20.07
N ALA A 382 8.37 -12.75 19.95
CA ALA A 382 7.92 -11.74 20.90
C ALA A 382 6.40 -11.59 20.86
N LEU A 383 5.83 -11.52 19.66
CA LEU A 383 4.38 -11.37 19.56
C LEU A 383 3.66 -12.59 20.12
N GLU A 384 4.09 -13.79 19.71
CA GLU A 384 3.42 -15.00 20.15
C GLU A 384 3.50 -15.15 21.66
N ALA A 385 4.63 -14.80 22.26
CA ALA A 385 4.79 -14.95 23.71
C ALA A 385 4.10 -13.84 24.48
N MET A 386 3.98 -12.65 23.89
CA MET A 386 3.36 -11.54 24.57
C MET A 386 1.83 -11.68 24.62
N CYS A 387 1.23 -12.25 23.57
CA CYS A 387 -0.21 -12.48 23.60
C CYS A 387 -0.61 -13.48 24.68
N LEU A 388 0.35 -14.22 25.22
CA LEU A 388 0.10 -15.17 26.29
C LEU A 388 0.61 -14.68 27.63
N GLY A 389 1.20 -13.49 27.69
CA GLY A 389 1.58 -12.87 28.94
C GLY A 389 3.06 -12.96 29.28
N ALA A 390 3.83 -13.76 28.54
CA ALA A 390 5.26 -13.85 28.83
C ALA A 390 5.94 -12.51 28.54
N ILE A 391 6.78 -12.06 29.46
CA ILE A 391 7.44 -10.76 29.33
C ILE A 391 8.72 -10.96 28.53
N PRO A 392 8.94 -10.16 27.47
CA PRO A 392 10.14 -10.38 26.64
C PRO A 392 11.38 -9.64 27.12
N ILE A 393 12.50 -10.36 27.21
CA ILE A 393 13.83 -9.78 27.31
C ILE A 393 14.52 -10.06 25.97
N ALA A 394 14.94 -9.01 25.28
CA ALA A 394 15.40 -9.22 23.92
C ALA A 394 16.42 -8.16 23.51
N SER A 395 17.22 -8.51 22.51
CA SER A 395 18.18 -7.57 21.95
C SER A 395 17.45 -6.48 21.18
N ALA A 396 17.97 -5.25 21.27
CA ALA A 396 17.38 -4.11 20.59
C ALA A 396 17.88 -4.09 19.15
N VAL A 397 17.34 -4.99 18.34
CA VAL A 397 17.65 -5.05 16.91
C VAL A 397 16.37 -5.30 16.12
N GLY A 398 16.27 -4.63 14.98
CA GLY A 398 15.24 -4.95 13.99
C GLY A 398 13.83 -4.91 14.54
N GLY A 399 12.98 -5.81 14.03
CA GLY A 399 11.56 -5.77 14.36
C GLY A 399 11.28 -5.71 15.85
N LEU A 400 12.14 -6.32 16.66
CA LEU A 400 11.95 -6.30 18.10
C LEU A 400 11.82 -4.87 18.61
N ARG A 401 12.74 -3.99 18.21
CA ARG A 401 12.71 -2.61 18.66
C ARG A 401 11.36 -1.95 18.39
N ASP A 402 10.70 -2.35 17.30
CA ASP A 402 9.40 -1.78 16.97
C ASP A 402 8.30 -2.38 17.85
N ILE A 403 8.41 -3.66 18.16
CA ILE A 403 7.37 -4.33 18.95
C ILE A 403 7.52 -3.99 20.42
N ILE A 404 8.67 -4.31 21.00
CA ILE A 404 8.91 -4.13 22.42
C ILE A 404 9.20 -2.66 22.67
N THR A 405 8.29 -1.99 23.36
CA THR A 405 8.45 -0.60 23.70
C THR A 405 8.69 -0.48 25.20
N ASN A 406 8.58 0.75 25.69
CA ASN A 406 8.56 1.03 27.11
C ASN A 406 7.36 0.35 27.75
N GLU A 407 7.45 0.13 29.06
CA GLU A 407 6.38 -0.44 29.87
C GLU A 407 5.89 -1.78 29.34
N THR A 408 6.69 -2.47 28.50
CA THR A 408 6.27 -3.77 27.98
C THR A 408 7.44 -4.71 27.66
N GLY A 409 8.61 -4.50 28.26
CA GLY A 409 9.72 -5.40 28.01
C GLY A 409 11.04 -4.74 28.32
N ILE A 410 12.08 -5.56 28.34
CA ILE A 410 13.45 -5.13 28.63
C ILE A 410 14.29 -5.34 27.37
N LEU A 411 15.00 -4.29 26.97
CA LEU A 411 15.77 -4.28 25.74
C LEU A 411 17.26 -4.14 26.05
N VAL A 412 18.07 -4.85 25.27
CA VAL A 412 19.48 -5.04 25.54
C VAL A 412 20.29 -4.77 24.27
N LYS A 413 21.53 -4.32 24.45
CA LYS A 413 22.43 -4.21 23.32
C LYS A 413 22.79 -5.60 22.82
N ALA A 414 22.65 -5.82 21.52
CA ALA A 414 22.88 -7.14 20.95
C ALA A 414 24.36 -7.52 21.06
N GLY A 415 24.60 -8.80 21.34
CA GLY A 415 25.94 -9.33 21.39
C GLY A 415 26.68 -9.15 22.69
N ASP A 416 26.07 -8.53 23.70
CA ASP A 416 26.73 -8.25 24.97
C ASP A 416 26.15 -9.14 26.06
N PRO A 417 26.78 -10.28 26.38
CA PRO A 417 26.22 -11.14 27.46
C PRO A 417 26.27 -10.51 28.84
N GLY A 418 27.14 -9.52 29.07
CA GLY A 418 27.13 -8.84 30.36
C GLY A 418 25.87 -8.02 30.56
N GLU A 419 25.51 -7.22 29.56
CA GLU A 419 24.26 -6.46 29.65
C GLU A 419 23.04 -7.37 29.64
N LEU A 420 23.14 -8.54 28.99
CA LEU A 420 22.06 -9.51 29.07
C LEU A 420 21.92 -10.07 30.49
N ALA A 421 23.05 -10.34 31.15
CA ALA A 421 22.99 -10.77 32.54
C ALA A 421 22.37 -9.68 33.42
N ASN A 422 22.75 -8.43 33.19
CA ASN A 422 22.13 -7.34 33.94
C ASN A 422 20.63 -7.29 33.69
N ALA A 423 20.22 -7.53 32.44
CA ALA A 423 18.79 -7.53 32.13
C ALA A 423 18.07 -8.66 32.85
N ILE A 424 18.68 -9.85 32.89
CA ILE A 424 18.07 -10.95 33.62
C ILE A 424 17.94 -10.60 35.09
N LEU A 425 18.95 -9.95 35.65
CA LEU A 425 18.88 -9.58 37.07
C LEU A 425 17.81 -8.53 37.31
N LYS A 426 17.65 -7.58 36.38
CA LYS A 426 16.55 -6.63 36.49
C LYS A 426 15.22 -7.35 36.44
N ALA A 427 15.08 -8.31 35.53
CA ALA A 427 13.85 -9.09 35.46
C ALA A 427 13.59 -9.80 36.78
N LEU A 428 14.64 -10.30 37.42
CA LEU A 428 14.49 -10.95 38.72
C LEU A 428 13.99 -9.96 39.76
N GLU A 429 14.68 -8.82 39.89
CA GLU A 429 14.25 -7.81 40.85
C GLU A 429 12.80 -7.43 40.64
N LEU A 430 12.39 -7.30 39.37
CA LEU A 430 10.99 -7.01 39.07
C LEU A 430 10.09 -8.14 39.53
N SER A 431 10.53 -9.39 39.34
CA SER A 431 9.70 -10.54 39.68
C SER A 431 9.41 -10.62 41.17
N ARG A 432 10.22 -9.99 42.01
CA ARG A 432 9.92 -9.92 43.43
C ARG A 432 8.69 -9.06 43.73
N SER A 433 8.07 -8.48 42.71
CA SER A 433 6.85 -7.72 42.81
C SER A 433 5.74 -8.49 42.08
N ASP A 434 4.73 -7.77 41.58
CA ASP A 434 3.55 -8.42 41.02
C ASP A 434 3.74 -8.87 39.58
N LEU A 435 3.64 -7.92 38.63
CA LEU A 435 3.89 -8.12 37.21
C LEU A 435 2.62 -8.34 36.39
N SER A 436 1.47 -8.54 37.05
CA SER A 436 0.27 -8.91 36.32
C SER A 436 -0.12 -7.84 35.30
N LYS A 437 -0.20 -6.57 35.72
CA LYS A 437 -0.54 -5.51 34.79
C LYS A 437 0.51 -5.36 33.70
N PHE A 438 1.76 -5.74 34.02
CA PHE A 438 2.85 -5.70 33.07
C PHE A 438 2.64 -6.74 31.96
N ARG A 439 2.17 -7.93 32.33
CA ARG A 439 1.82 -8.94 31.34
C ARG A 439 0.58 -8.54 30.53
N GLU A 440 -0.41 -7.91 31.18
CA GLU A 440 -1.58 -7.49 30.43
C GLU A 440 -1.22 -6.40 29.43
N ASN A 441 -0.30 -5.51 29.80
CA ASN A 441 0.22 -4.54 28.83
C ASN A 441 0.92 -5.23 27.68
N CYS A 442 1.71 -6.26 27.98
CA CYS A 442 2.31 -7.06 26.91
C CYS A 442 1.25 -7.56 25.93
N LYS A 443 0.16 -8.12 26.48
CA LYS A 443 -0.90 -8.65 25.63
C LYS A 443 -1.50 -7.56 24.74
N LYS A 444 -1.86 -6.43 25.34
CA LYS A 444 -2.48 -5.35 24.57
C LYS A 444 -1.55 -4.89 23.45
N ARG A 445 -0.28 -4.66 23.78
CA ARG A 445 0.67 -4.21 22.78
C ARG A 445 0.77 -5.22 21.63
N ALA A 446 0.98 -6.50 21.96
CA ALA A 446 1.20 -7.49 20.92
C ALA A 446 -0.02 -7.67 20.04
N MET A 447 -1.22 -7.55 20.61
CA MET A 447 -2.43 -7.69 19.78
C MET A 447 -2.63 -6.48 18.88
N SER A 448 -2.34 -5.27 19.39
CA SER A 448 -2.48 -4.09 18.54
C SER A 448 -1.44 -4.09 17.42
N PHE A 449 -0.24 -4.61 17.68
CA PHE A 449 0.80 -4.65 16.65
C PHE A 449 0.49 -5.72 15.61
N SER A 450 -0.07 -6.85 16.05
CA SER A 450 -0.40 -7.93 15.08
C SER A 450 -1.59 -7.58 14.17
N LYS A 451 -2.31 -6.48 14.45
CA LYS A 451 -3.49 -6.09 13.64
C LYS A 451 -3.19 -4.82 12.83
N GLN A 452 -2.27 -3.95 13.28
CA GLN A 452 -1.92 -2.74 12.55
C GLN A 452 -1.23 -3.07 11.24
N MET A 453 -0.38 -4.06 11.23
CA MET A 453 0.36 -4.37 10.01
C MET A 453 -0.55 -5.01 8.98
N ARG A 454 -1.59 -5.73 9.39
CA ARG A 454 -2.61 -6.19 8.46
C ARG A 454 -3.26 -5.01 7.75
N ALA A 455 -3.64 -4.00 8.53
CA ALA A 455 -4.26 -2.80 7.96
C ALA A 455 -3.31 -2.13 6.98
N ARG A 456 -2.04 -1.99 7.35
CA ARG A 456 -1.05 -1.42 6.45
C ARG A 456 -1.00 -2.20 5.14
N ARG A 457 -0.87 -3.53 5.26
CA ARG A 457 -0.75 -4.40 4.08
C ARG A 457 -1.94 -4.21 3.15
N LYS A 458 -3.15 -4.19 3.71
CA LYS A 458 -4.35 -4.10 2.88
C LYS A 458 -4.48 -2.72 2.23
N THR A 459 -4.21 -1.66 2.99
CA THR A 459 -4.23 -0.33 2.42
C THR A 459 -3.27 -0.22 1.25
N ALA A 460 -2.03 -0.71 1.44
CA ALA A 460 -1.04 -0.65 0.38
C ALA A 460 -1.49 -1.44 -0.84
N LYS A 461 -2.08 -2.63 -0.63
CA LYS A 461 -2.59 -3.40 -1.75
C LYS A 461 -3.62 -2.60 -2.54
N MET A 462 -4.59 -2.01 -1.84
CA MET A 462 -5.64 -1.26 -2.52
C MET A 462 -5.05 -0.12 -3.34
N LEU A 463 -4.12 0.65 -2.74
CA LEU A 463 -3.58 1.80 -3.45
C LEU A 463 -2.73 1.37 -4.64
N MET A 464 -2.00 0.27 -4.50
CA MET A 464 -1.24 -0.24 -5.64
C MET A 464 -2.16 -0.65 -6.78
N VAL A 465 -3.28 -1.29 -6.47
CA VAL A 465 -4.20 -1.68 -7.53
C VAL A 465 -4.80 -0.44 -8.20
N VAL A 466 -5.17 0.56 -7.40
CA VAL A 466 -5.66 1.82 -7.99
C VAL A 466 -4.64 2.35 -8.99
N LEU A 467 -3.38 2.43 -8.55
CA LEU A 467 -2.33 2.95 -9.42
C LEU A 467 -2.21 2.12 -10.70
N LEU A 468 -2.30 0.79 -10.58
CA LEU A 468 -2.13 -0.05 -11.75
C LEU A 468 -3.26 0.15 -12.75
N VAL A 469 -4.51 0.18 -12.26
CA VAL A 469 -5.63 0.44 -13.14
C VAL A 469 -5.45 1.77 -13.85
N PHE A 470 -5.05 2.80 -13.11
CA PHE A 470 -4.80 4.08 -13.76
C PHE A 470 -3.73 3.96 -14.83
N ALA A 471 -2.61 3.33 -14.50
CA ALA A 471 -1.47 3.30 -15.40
C ALA A 471 -1.81 2.54 -16.69
N LEU A 472 -2.66 1.53 -16.60
CA LEU A 472 -3.05 0.82 -17.82
C LEU A 472 -4.12 1.59 -18.60
N CYS A 473 -5.08 2.18 -17.90
CA CYS A 473 -6.15 2.90 -18.61
C CYS A 473 -5.58 3.99 -19.51
N TYR A 474 -4.59 4.73 -19.01
CA TYR A 474 -4.03 5.84 -19.77
C TYR A 474 -2.78 5.48 -20.55
N LEU A 475 -2.40 4.21 -20.60
CA LEU A 475 -1.23 3.86 -21.42
C LEU A 475 -1.54 3.95 -22.90
N PRO A 476 -2.62 3.33 -23.40
CA PRO A 476 -2.83 3.35 -24.87
C PRO A 476 -2.90 4.74 -25.45
N ILE A 477 -3.71 5.62 -24.88
CA ILE A 477 -3.89 6.93 -25.48
C ILE A 477 -2.62 7.77 -25.36
N SER A 478 -1.86 7.60 -24.28
CA SER A 478 -0.60 8.32 -24.15
C SER A 478 0.38 7.89 -25.24
N VAL A 479 0.49 6.58 -25.46
CA VAL A 479 1.33 6.08 -26.56
C VAL A 479 0.85 6.65 -27.89
N LEU A 480 -0.46 6.62 -28.12
CA LEU A 480 -0.97 7.06 -29.40
C LEU A 480 -0.71 8.53 -29.64
N ASN A 481 -0.84 9.37 -28.60
CA ASN A 481 -0.60 10.79 -28.79
C ASN A 481 0.89 11.09 -28.96
N ILE A 482 1.76 10.40 -28.21
CA ILE A 482 3.18 10.67 -28.41
C ILE A 482 3.61 10.23 -29.80
N LEU A 483 2.96 9.20 -30.36
CA LEU A 483 3.30 8.80 -31.72
C LEU A 483 2.73 9.79 -32.74
N LYS A 484 1.42 10.06 -32.68
CA LYS A 484 0.78 10.96 -33.64
C LYS A 484 1.44 12.33 -33.65
N ARG A 485 1.74 12.87 -32.47
CA ARG A 485 2.19 14.26 -32.36
C ARG A 485 3.70 14.41 -32.49
N VAL A 486 4.46 13.32 -32.37
CA VAL A 486 5.90 13.40 -32.52
C VAL A 486 6.32 12.62 -33.76
N PHE A 487 6.31 11.29 -33.69
CA PHE A 487 6.80 10.49 -34.81
C PHE A 487 5.67 10.36 -35.83
N GLY A 488 5.81 11.12 -36.92
CA GLY A 488 4.80 11.20 -37.95
C GLY A 488 4.22 9.87 -38.37
N MET A 489 2.95 9.67 -38.04
CA MET A 489 2.27 8.41 -38.29
C MET A 489 0.78 8.67 -38.37
N PHE A 490 0.04 7.60 -38.62
CA PHE A 490 -1.42 7.62 -38.46
C PHE A 490 -2.08 8.60 -39.42
N ARG A 491 -1.53 8.67 -40.66
CA ARG A 491 -2.06 9.65 -41.61
C ARG A 491 -2.13 9.11 -43.04
N GLN A 492 -2.04 7.81 -43.26
CA GLN A 492 -1.80 7.29 -44.59
C GLN A 492 -2.58 6.00 -44.84
N ALA A 493 -2.95 5.82 -46.10
CA ALA A 493 -3.50 4.56 -46.63
C ALA A 493 -4.64 4.08 -45.75
N SER A 494 -4.80 2.76 -45.63
CA SER A 494 -5.83 2.18 -44.79
C SER A 494 -5.54 2.36 -43.31
N ASP A 495 -4.37 2.90 -42.95
CA ASP A 495 -4.09 3.26 -41.57
C ASP A 495 -4.93 4.48 -41.19
N ARG A 496 -6.25 4.35 -41.35
CA ARG A 496 -7.18 5.45 -41.14
C ARG A 496 -8.45 4.91 -40.51
N GLU A 497 -8.84 3.70 -40.93
CA GLU A 497 -9.92 2.97 -40.26
C GLU A 497 -9.41 2.30 -38.99
N ALA A 498 -8.27 1.62 -39.10
CA ALA A 498 -7.61 1.08 -37.92
C ALA A 498 -7.40 2.16 -36.87
N VAL A 499 -6.97 3.34 -37.30
CA VAL A 499 -6.74 4.44 -36.37
C VAL A 499 -8.05 4.83 -35.68
N TYR A 500 -9.13 4.91 -36.44
CA TYR A 500 -10.45 5.17 -35.87
C TYR A 500 -10.74 4.20 -34.73
N ALA A 501 -10.66 2.89 -35.03
CA ALA A 501 -10.98 1.90 -34.02
C ALA A 501 -10.09 2.05 -32.79
N CYS A 502 -8.78 2.23 -33.02
CA CYS A 502 -7.84 2.30 -31.90
C CYS A 502 -8.17 3.47 -30.98
N PHE A 503 -8.33 4.67 -31.54
CA PHE A 503 -8.60 5.80 -30.65
C PHE A 503 -9.96 5.68 -29.98
N THR A 504 -10.97 5.13 -30.67
CA THR A 504 -12.26 4.94 -30.02
C THR A 504 -12.09 4.08 -28.77
N PHE A 505 -11.41 2.94 -28.91
CA PHE A 505 -11.22 2.08 -27.76
C PHE A 505 -10.43 2.79 -26.67
N SER A 506 -9.36 3.49 -27.04
CA SER A 506 -8.51 4.14 -26.04
C SER A 506 -9.31 5.18 -25.25
N HIS A 507 -10.14 5.95 -25.94
CA HIS A 507 -11.03 6.88 -25.25
C HIS A 507 -11.90 6.14 -24.25
N TRP A 508 -12.59 5.09 -24.72
CA TRP A 508 -13.48 4.38 -23.80
C TRP A 508 -12.73 3.92 -22.56
N LEU A 509 -11.52 3.39 -22.74
CA LEU A 509 -10.76 2.86 -21.61
C LEU A 509 -10.37 3.96 -20.64
N VAL A 510 -9.86 5.08 -21.18
CA VAL A 510 -9.57 6.24 -20.37
C VAL A 510 -10.76 6.56 -19.47
N TYR A 511 -11.97 6.49 -20.03
CA TYR A 511 -13.13 6.82 -19.20
C TYR A 511 -13.51 5.68 -18.25
N ALA A 512 -13.30 4.44 -18.65
CA ALA A 512 -13.61 3.31 -17.78
C ALA A 512 -12.78 3.34 -16.50
N ASN A 513 -11.61 3.99 -16.55
CA ASN A 513 -10.86 4.20 -15.31
C ASN A 513 -11.75 4.67 -14.16
N SER A 514 -12.58 5.68 -14.44
CA SER A 514 -13.35 6.32 -13.39
C SER A 514 -14.47 5.43 -12.85
N ALA A 515 -14.87 4.43 -13.63
CA ALA A 515 -15.77 3.41 -13.09
C ALA A 515 -14.99 2.35 -12.32
N ALA A 516 -13.74 2.10 -12.72
CA ALA A 516 -12.95 1.06 -12.10
C ALA A 516 -12.57 1.42 -10.67
N ASN A 517 -12.13 2.67 -10.44
CA ASN A 517 -11.62 3.00 -9.11
C ASN A 517 -12.64 2.75 -8.01
N PRO A 518 -13.88 3.23 -8.10
CA PRO A 518 -14.88 2.88 -7.07
C PRO A 518 -15.07 1.38 -6.92
N ILE A 519 -14.88 0.60 -7.98
CA ILE A 519 -15.00 -0.85 -7.88
C ILE A 519 -13.86 -1.43 -7.05
N ILE A 520 -12.65 -0.93 -7.29
CA ILE A 520 -11.52 -1.31 -6.44
C ILE A 520 -11.85 -1.03 -4.99
N TYR A 521 -12.30 0.20 -4.70
CA TYR A 521 -12.63 0.56 -3.33
C TYR A 521 -13.66 -0.38 -2.75
N ASN A 522 -14.64 -0.78 -3.57
CA ASN A 522 -15.59 -1.79 -3.15
C ASN A 522 -14.88 -3.04 -2.67
N PHE A 523 -14.14 -3.68 -3.54
CA PHE A 523 -13.71 -5.04 -3.21
C PHE A 523 -12.61 -5.08 -2.16
N LEU A 524 -11.73 -4.04 -2.11
CA LEU A 524 -10.51 -4.17 -1.33
C LEU A 524 -10.49 -3.38 -0.03
N SER A 525 -11.62 -2.79 0.37
CA SER A 525 -11.67 -2.09 1.65
C SER A 525 -13.07 -2.27 2.23
N GLY A 526 -13.18 -3.07 3.29
CA GLY A 526 -14.47 -3.21 3.96
C GLY A 526 -15.01 -1.90 4.50
N LYS A 527 -14.11 -0.95 4.76
CA LYS A 527 -14.54 0.36 5.26
C LYS A 527 -15.43 1.08 4.26
N PHE A 528 -15.19 0.90 2.95
CA PHE A 528 -16.13 1.47 2.00
C PHE A 528 -17.33 0.57 1.73
N ARG A 529 -17.17 -0.76 1.84
CA ARG A 529 -18.30 -1.64 1.61
C ARG A 529 -19.41 -1.36 2.61
N GLU A 530 -19.03 -1.15 3.87
CA GLU A 530 -20.02 -0.78 4.89
C GLU A 530 -20.90 0.37 4.41
N GLN A 531 -20.28 1.42 3.87
CA GLN A 531 -21.00 2.63 3.52
C GLN A 531 -21.65 2.56 2.16
N PHE A 532 -21.19 1.68 1.28
CA PHE A 532 -21.93 1.41 0.05
C PHE A 532 -23.23 0.67 0.38
N LYS A 533 -23.19 -0.22 1.37
CA LYS A 533 -24.43 -0.82 1.86
C LYS A 533 -25.32 0.22 2.55
N ALA A 534 -24.72 1.08 3.38
CA ALA A 534 -25.51 2.04 4.14
C ALA A 534 -26.50 2.80 3.27
N ALA A 535 -26.17 3.01 2.00
CA ALA A 535 -27.04 3.76 1.10
C ALA A 535 -28.32 3.01 0.75
N PHE A 536 -28.39 1.72 1.00
CA PHE A 536 -29.64 0.99 0.78
C PHE A 536 -30.05 0.24 2.04
N JHC B . -7.56 16.44 -26.93
C JHC B . -5.89 15.12 -21.72
O JHC B . -6.06 12.29 -27.32
C1 JHC B . -5.87 16.02 -22.95
C10 JHC B . -7.14 12.54 -25.36
C11 JHC B . -8.51 12.48 -25.61
C12 JHC B . -9.40 11.99 -24.66
C13 JHC B . -10.76 11.96 -24.94
C14 JHC B . -8.93 11.53 -23.44
C15 JHC B . -7.56 11.57 -23.18
C16 JHC B . -6.66 12.06 -24.12
C17 JHC B . -3.30 12.24 -23.68
C18 JHC B . -3.68 11.76 -22.51
C19 JHC B . -8.86 16.19 -26.74
C2 JHC B . -5.36 15.21 -24.15
C20 JHC B . -10.95 15.77 -27.03
C21 JHC B . -12.18 15.52 -27.48
C22 JHC B . -13.23 15.31 -26.58
C23 JHC B . -12.97 15.37 -25.22
C24 JHC B . -11.67 15.63 -24.82
C25 JHC B . -10.70 15.82 -25.72
C3 JHC B . -4.10 15.84 -24.71
C4 JHC B . -6.42 15.17 -25.25
C5 JHC B . -6.74 16.59 -25.72
C6 JHC B . -6.97 16.42 -28.27
C7 JHC B . -5.48 16.15 -28.10
C8 JHC B . -5.21 14.73 -27.59
C9 JHC B . -6.35 13.04 -26.39
N1 JHC B . -6.00 14.33 -26.39
N2 JHC B . -5.37 12.05 -23.75
N3 JHC B . -4.41 12.39 -24.40
N4 JHC B . -5.01 11.66 -22.61
N5 JHC B . -9.79 15.99 -27.67
O1 JHC B . -9.38 16.09 -25.55
CL JHC B . -14.85 14.98 -27.13
C1 CLR C . -26.36 7.40 -4.55
C2 CLR C . -26.75 6.80 -3.18
C3 CLR C . -26.89 7.89 -2.14
C4 CLR C . -27.93 8.90 -2.58
C5 CLR C . -27.69 9.41 -3.98
C6 CLR C . -27.71 10.72 -4.22
C7 CLR C . -27.50 11.33 -5.56
C8 CLR C . -27.73 10.32 -6.68
C9 CLR C . -26.96 9.03 -6.37
C10 CLR C . -27.45 8.36 -5.05
C11 CLR C . -26.93 8.06 -7.56
C12 CLR C . -26.59 8.71 -8.90
C13 CLR C . -27.52 9.89 -9.20
C14 CLR C . -27.30 10.88 -8.04
C15 CLR C . -27.95 12.18 -8.55
C16 CLR C . -27.72 12.17 -10.06
C17 CLR C . -27.16 10.78 -10.42
C18 CLR C . -28.98 9.42 -9.27
C19 CLR C . -28.76 7.58 -5.27
C20 CLR C . -27.61 10.33 -11.82
C21 CLR C . -26.88 9.07 -12.31
C22 CLR C . -27.50 11.46 -12.85
C23 CLR C . -28.49 11.34 -14.01
C24 CLR C . -28.71 12.63 -14.79
C25 CLR C . -29.87 12.59 -15.78
C26 CLR C . -30.04 13.93 -16.50
C27 CLR C . -29.73 11.46 -16.77
O1 CLR C . -27.26 7.33 -0.89
C1 OLA D . 14.60 -14.94 0.12
O1 OLA D . 15.76 -14.45 0.18
O2 OLA D . 14.45 -16.07 -0.39
C2 OLA D . 13.42 -14.17 0.66
C3 OLA D . 13.70 -12.66 0.64
C4 OLA D . 12.80 -11.95 -0.36
C5 OLA D . 12.82 -10.45 -0.10
C6 OLA D . 11.47 -9.83 -0.42
C7 OLA D . 11.64 -8.72 -1.47
C8 OLA D . 10.41 -7.81 -1.52
C9 OLA D . 9.70 -8.07 -2.82
C10 OLA D . 9.28 -6.96 -3.70
C11 OLA D . 7.94 -6.28 -3.57
C12 OLA D . 7.77 -5.33 -4.75
C13 OLA D . 6.29 -5.04 -5.01
C14 OLA D . 6.03 -4.62 -6.47
C15 OLA D . 6.36 -3.14 -6.71
C16 OLA D . 5.38 -2.55 -7.72
C17 OLA D . 5.99 -1.40 -8.52
C18 OLA D . 5.13 -1.11 -9.75
#